data_3R5Z
#
_entry.id   3R5Z
#
_cell.length_a   39.704
_cell.length_b   56.939
_cell.length_c   66.003
_cell.angle_alpha   90.000
_cell.angle_beta   105.520
_cell.angle_gamma   90.000
#
_symmetry.space_group_name_H-M   'P 1 21 1'
#
loop_
_entity.id
_entity.type
_entity.pdbx_description
1 polymer 'Putative uncharacterized protein'
2 non-polymer 'COENZYME F420'
3 non-polymer 'SULFATE ION'
4 water water
#
_entity_poly.entity_id   1
_entity_poly.type   'polypeptide(L)'
_entity_poly.pdbx_seq_one_letter_code
;GMPLTGEYEPSPSDWARKQVETYENSGGTEGTTLQGKPVVVLTTKGAKTGKLRKTPLMRVEHNGEYAVVASLGGAPKHPV
WYHNIKAEPHVELRDGTEVGDYTAREVTGEEKRVWWERAVEVWPDYAEYQTKTTREIPVFVLTPR
;
_entity_poly.pdbx_strand_id   A,B
#
# COMPACT_ATOMS: atom_id res chain seq x y z
N GLY A 6 -6.93 -24.89 -7.01
CA GLY A 6 -8.29 -24.52 -6.66
C GLY A 6 -9.31 -24.76 -7.76
N GLU A 7 -10.20 -25.71 -7.55
CA GLU A 7 -11.13 -26.13 -8.60
C GLU A 7 -12.18 -25.08 -8.97
N TYR A 8 -12.50 -24.23 -8.03
CA TYR A 8 -13.65 -23.37 -8.26
C TYR A 8 -13.18 -21.91 -8.39
N GLU A 9 -12.24 -21.65 -9.29
CA GLU A 9 -11.71 -20.30 -9.49
C GLU A 9 -11.91 -19.93 -10.95
N PRO A 10 -11.96 -18.63 -11.26
CA PRO A 10 -12.05 -18.18 -12.66
C PRO A 10 -10.69 -18.41 -13.34
N SER A 11 -10.69 -18.27 -14.65
CA SER A 11 -9.44 -18.26 -15.39
C SER A 11 -8.57 -17.07 -14.95
N PRO A 12 -7.27 -17.15 -15.13
CA PRO A 12 -6.39 -16.06 -14.69
C PRO A 12 -6.79 -14.81 -15.51
N SER A 13 -7.15 -14.96 -16.79
CA SER A 13 -7.51 -13.78 -17.58
C SER A 13 -8.82 -13.15 -17.12
N ASP A 14 -9.81 -13.96 -16.75
CA ASP A 14 -11.06 -13.41 -16.23
C ASP A 14 -10.83 -12.82 -14.86
N TRP A 15 -9.96 -13.42 -14.05
CA TRP A 15 -9.64 -12.81 -12.77
C TRP A 15 -9.00 -11.42 -12.98
N ALA A 16 -8.06 -11.32 -13.92
CA ALA A 16 -7.36 -10.04 -14.13
C ALA A 16 -8.39 -8.99 -14.54
N ARG A 17 -9.32 -9.36 -15.41
CA ARG A 17 -10.36 -8.42 -15.85
C ARG A 17 -11.20 -8.00 -14.67
N LYS A 18 -11.58 -8.96 -13.83
CA LYS A 18 -12.44 -8.62 -12.68
C LYS A 18 -11.72 -7.71 -11.71
N GLN A 19 -10.43 -7.99 -11.48
CA GLN A 19 -9.67 -7.19 -10.53
C GLN A 19 -9.49 -5.76 -10.99
N VAL A 20 -9.17 -5.59 -12.27
CA VAL A 20 -8.93 -4.24 -12.78
C VAL A 20 -10.20 -3.40 -12.83
N GLU A 21 -11.34 -4.07 -13.07
CA GLU A 21 -12.65 -3.45 -13.00
C GLU A 21 -12.98 -2.92 -11.60
N THR A 22 -12.79 -3.77 -10.59
CA THR A 22 -13.07 -3.39 -9.21
C THR A 22 -12.15 -2.27 -8.78
N TYR A 23 -10.89 -2.43 -9.15
CA TYR A 23 -9.83 -1.49 -8.75
C TYR A 23 -10.23 -0.11 -9.32
N GLU A 24 -10.49 -0.05 -10.61
CA GLU A 24 -10.74 1.24 -11.27
C GLU A 24 -12.08 1.83 -10.86
N ASN A 25 -13.10 0.99 -10.79
CA ASN A 25 -14.44 1.52 -10.53
C ASN A 25 -14.56 2.04 -9.11
N SER A 26 -13.81 1.44 -8.18
CA SER A 26 -13.81 1.88 -6.78
C SER A 26 -12.85 3.03 -6.49
N GLY A 27 -12.19 3.57 -7.52
CA GLY A 27 -11.18 4.58 -7.31
C GLY A 27 -10.00 4.11 -6.48
N GLY A 28 -9.70 2.82 -6.59
CA GLY A 28 -8.55 2.28 -5.89
C GLY A 28 -8.78 1.99 -4.42
N THR A 29 -10.06 1.92 -4.03
CA THR A 29 -10.38 1.60 -2.63
C THR A 29 -10.66 0.14 -2.38
N GLU A 30 -10.84 -0.65 -3.45
CA GLU A 30 -11.10 -2.08 -3.31
C GLU A 30 -10.36 -2.84 -4.39
N GLY A 31 -10.09 -4.13 -4.16
CA GLY A 31 -9.47 -5.00 -5.17
C GLY A 31 -8.01 -4.74 -5.45
N THR A 32 -7.29 -4.18 -4.47
CA THR A 32 -5.92 -3.76 -4.70
C THR A 32 -4.83 -4.74 -4.22
N THR A 33 -5.22 -5.96 -3.85
CA THR A 33 -4.23 -6.97 -3.41
C THR A 33 -4.38 -8.29 -4.11
N LEU A 34 -3.32 -9.10 -4.08
CA LEU A 34 -3.38 -10.46 -4.64
C LEU A 34 -2.58 -11.36 -3.68
N GLN A 35 -3.22 -12.40 -3.13
CA GLN A 35 -2.57 -13.20 -2.07
C GLN A 35 -1.92 -12.32 -0.97
N GLY A 36 -2.58 -11.24 -0.62
CA GLY A 36 -2.09 -10.39 0.46
C GLY A 36 -1.04 -9.38 0.03
N LYS A 37 -0.65 -9.42 -1.25
CA LYS A 37 0.42 -8.54 -1.76
C LYS A 37 -0.16 -7.39 -2.60
N PRO A 38 0.41 -6.20 -2.50
CA PRO A 38 -0.19 -5.06 -3.21
C PRO A 38 -0.04 -5.10 -4.76
N VAL A 39 -1.09 -4.63 -5.41
CA VAL A 39 -1.20 -4.54 -6.88
C VAL A 39 -1.36 -3.06 -7.29
N VAL A 40 -0.82 -2.72 -8.47
CA VAL A 40 -1.01 -1.41 -9.08
C VAL A 40 -1.77 -1.61 -10.39
N VAL A 41 -2.27 -0.50 -10.93
CA VAL A 41 -2.90 -0.56 -12.25
C VAL A 41 -2.08 0.32 -13.19
N LEU A 42 -1.55 -0.29 -14.24
CA LEU A 42 -0.81 0.45 -15.24
C LEU A 42 -1.76 0.84 -16.37
N THR A 43 -1.75 2.12 -16.76
CA THR A 43 -2.45 2.54 -17.96
C THR A 43 -1.45 2.77 -19.12
N THR A 44 -1.69 2.10 -20.23
CA THR A 44 -0.80 2.28 -21.40
C THR A 44 -1.64 2.71 -22.59
N LYS A 45 -1.00 3.27 -23.60
CA LYS A 45 -1.72 3.64 -24.83
C LYS A 45 -1.68 2.44 -25.77
N GLY A 46 -2.82 1.99 -26.30
CA GLY A 46 -2.84 0.83 -27.17
C GLY A 46 -2.06 1.02 -28.47
N ALA A 47 -1.09 0.15 -28.73
CA ALA A 47 -0.19 0.29 -29.89
C ALA A 47 -0.96 0.35 -31.21
N LYS A 48 -2.02 -0.44 -31.32
CA LYS A 48 -2.76 -0.53 -32.58
C LYS A 48 -3.98 0.39 -32.54
N THR A 49 -4.77 0.25 -31.49
CA THR A 49 -6.04 0.96 -31.43
C THR A 49 -5.95 2.40 -30.94
N GLY A 50 -4.89 2.77 -30.23
CA GLY A 50 -4.83 4.07 -29.57
C GLY A 50 -5.69 4.19 -28.30
N LYS A 51 -6.39 3.11 -27.92
CA LYS A 51 -7.22 3.21 -26.73
C LYS A 51 -6.37 3.09 -25.45
N LEU A 52 -6.80 3.73 -24.38
CA LEU A 52 -6.14 3.51 -23.10
C LEU A 52 -6.48 2.14 -22.57
N ARG A 53 -5.45 1.38 -22.19
CA ARG A 53 -5.61 0.01 -21.71
C ARG A 53 -5.11 -0.05 -20.29
N LYS A 54 -5.87 -0.73 -19.44
CA LYS A 54 -5.52 -0.81 -18.00
C LYS A 54 -5.17 -2.26 -17.65
N THR A 55 -4.07 -2.41 -16.91
CA THR A 55 -3.51 -3.73 -16.58
C THR A 55 -3.11 -3.79 -15.10
N PRO A 56 -3.64 -4.78 -14.34
CA PRO A 56 -3.18 -4.95 -12.96
C PRO A 56 -1.85 -5.71 -12.94
N LEU A 57 -0.91 -5.19 -12.14
CA LEU A 57 0.48 -5.71 -12.07
C LEU A 57 0.94 -5.68 -10.62
N MET A 58 1.96 -6.46 -10.27
CA MET A 58 2.43 -6.41 -8.88
C MET A 58 3.09 -5.08 -8.58
N ARG A 59 2.85 -4.57 -7.37
CA ARG A 59 3.48 -3.31 -6.94
C ARG A 59 4.92 -3.57 -6.50
N VAL A 60 5.86 -2.91 -7.18
CA VAL A 60 7.27 -2.92 -6.80
C VAL A 60 7.72 -1.47 -6.76
N GLU A 61 8.00 -0.92 -5.57
CA GLU A 61 8.16 0.50 -5.44
C GLU A 61 9.43 0.81 -4.64
N HIS A 62 10.08 1.89 -5.03
CA HIS A 62 11.24 2.36 -4.29
C HIS A 62 11.42 3.86 -4.48
N ASN A 63 11.24 4.59 -3.39
CA ASN A 63 11.40 6.05 -3.41
C ASN A 63 10.70 6.75 -4.55
N GLY A 64 9.46 6.35 -4.80
CA GLY A 64 8.63 7.02 -5.77
C GLY A 64 8.77 6.50 -7.20
N GLU A 65 9.70 5.58 -7.42
CA GLU A 65 9.79 4.89 -8.70
C GLU A 65 9.13 3.52 -8.55
N TYR A 66 8.64 3.01 -9.67
CA TYR A 66 8.08 1.66 -9.68
C TYR A 66 8.75 0.79 -10.73
N ALA A 67 8.67 -0.51 -10.55
CA ALA A 67 9.12 -1.41 -11.60
C ALA A 67 7.97 -2.35 -11.88
N VAL A 68 7.84 -2.75 -13.15
CA VAL A 68 6.90 -3.79 -13.49
C VAL A 68 7.59 -4.92 -14.25
N VAL A 69 7.12 -6.13 -14.00
CA VAL A 69 7.68 -7.31 -14.65
C VAL A 69 6.70 -7.85 -15.67
N ALA A 70 7.15 -8.07 -16.91
CA ALA A 70 6.27 -8.59 -17.95
C ALA A 70 6.54 -10.08 -18.06
N SER A 71 5.74 -10.91 -17.36
CA SER A 71 5.97 -12.38 -17.40
C SER A 71 4.74 -13.17 -17.04
N LEU A 72 4.26 -13.99 -17.99
CA LEU A 72 3.13 -14.88 -17.72
C LEU A 72 3.74 -16.17 -17.19
N GLY A 73 4.20 -16.15 -15.95
CA GLY A 73 4.72 -17.37 -15.36
C GLY A 73 6.01 -17.89 -15.98
N GLY A 74 6.81 -17.02 -16.57
CA GLY A 74 8.05 -17.40 -17.22
C GLY A 74 7.88 -17.83 -18.66
N ALA A 75 6.65 -17.79 -19.19
CA ALA A 75 6.41 -18.18 -20.57
C ALA A 75 6.98 -17.11 -21.48
N PRO A 76 7.41 -17.49 -22.70
CA PRO A 76 8.07 -16.51 -23.57
C PRO A 76 7.17 -15.49 -24.25
N LYS A 77 5.92 -15.81 -24.53
CA LYS A 77 5.07 -14.82 -25.22
C LYS A 77 4.88 -13.58 -24.36
N HIS A 78 5.19 -12.40 -24.92
CA HIS A 78 5.03 -11.14 -24.19
C HIS A 78 3.56 -10.80 -24.06
N PRO A 79 3.15 -10.35 -22.86
CA PRO A 79 1.84 -9.70 -22.70
C PRO A 79 1.66 -8.55 -23.70
N VAL A 80 0.42 -8.29 -24.10
CA VAL A 80 0.18 -7.22 -25.07
C VAL A 80 0.60 -5.86 -24.55
N TRP A 81 0.41 -5.58 -23.25
CA TRP A 81 0.88 -4.29 -22.72
C TRP A 81 2.38 -4.01 -22.86
N TYR A 82 3.18 -5.07 -22.99
CA TYR A 82 4.60 -4.90 -23.29
C TYR A 82 4.77 -4.11 -24.59
N HIS A 83 3.95 -4.43 -25.59
CA HIS A 83 4.06 -3.72 -26.87
C HIS A 83 3.57 -2.28 -26.78
N ASN A 84 2.57 -2.04 -25.95
CA ASN A 84 2.09 -0.67 -25.77
C ASN A 84 3.22 0.21 -25.19
N ILE A 85 3.95 -0.30 -24.20
CA ILE A 85 4.99 0.53 -23.58
C ILE A 85 6.14 0.80 -24.54
N LYS A 86 6.50 -0.22 -25.32
CA LYS A 86 7.56 -0.07 -26.29
C LYS A 86 7.24 1.04 -27.30
N ALA A 87 5.96 1.18 -27.63
CA ALA A 87 5.55 2.17 -28.61
C ALA A 87 5.34 3.54 -27.99
N GLU A 88 5.02 3.56 -26.70
CA GLU A 88 4.69 4.80 -26.00
C GLU A 88 5.12 4.69 -24.53
N PRO A 89 6.27 5.29 -24.18
CA PRO A 89 6.83 5.22 -22.82
C PRO A 89 6.06 6.02 -21.79
N HIS A 90 5.20 6.95 -22.21
CA HIS A 90 4.41 7.69 -21.23
C HIS A 90 3.27 6.81 -20.76
N VAL A 91 3.29 6.46 -19.48
CA VAL A 91 2.25 5.63 -18.91
C VAL A 91 1.65 6.32 -17.68
N GLU A 92 0.52 5.81 -17.19
CA GLU A 92 0.06 6.21 -15.87
C GLU A 92 0.06 5.00 -14.96
N LEU A 93 0.26 5.23 -13.66
CA LEU A 93 0.25 4.13 -12.70
C LEU A 93 -0.60 4.54 -11.50
N ARG A 94 -1.54 3.67 -11.11
CA ARG A 94 -2.39 3.91 -9.95
C ARG A 94 -1.96 2.95 -8.84
N ASP A 95 -1.76 3.47 -7.63
CA ASP A 95 -1.36 2.69 -6.46
C ASP A 95 -2.43 3.03 -5.41
N GLY A 96 -3.44 2.18 -5.31
CA GLY A 96 -4.57 2.50 -4.44
C GLY A 96 -5.32 3.71 -4.97
N THR A 97 -5.59 4.65 -4.07
CA THR A 97 -6.34 5.86 -4.45
C THR A 97 -5.58 6.92 -5.24
N GLU A 98 -4.25 6.74 -5.37
CA GLU A 98 -3.43 7.76 -5.98
C GLU A 98 -2.98 7.38 -7.39
N VAL A 99 -2.93 8.34 -8.30
CA VAL A 99 -2.52 8.01 -9.65
C VAL A 99 -1.52 9.07 -10.12
N GLY A 100 -0.64 8.71 -11.04
CA GLY A 100 0.30 9.68 -11.56
C GLY A 100 0.88 9.26 -12.90
N ASP A 101 1.71 10.14 -13.48
CA ASP A 101 2.32 9.89 -14.78
C ASP A 101 3.78 9.50 -14.66
N TYR A 102 4.18 8.59 -15.53
CA TYR A 102 5.52 8.04 -15.48
C TYR A 102 6.10 7.85 -16.88
N THR A 103 7.43 7.83 -16.95
CA THR A 103 8.11 7.44 -18.16
C THR A 103 8.65 6.02 -17.90
N ALA A 104 8.21 5.06 -18.72
CA ALA A 104 8.63 3.65 -18.54
C ALA A 104 9.76 3.33 -19.49
N ARG A 105 10.78 2.68 -18.96
CA ARG A 105 11.85 2.23 -19.81
C ARG A 105 12.27 0.83 -19.41
N GLU A 106 12.58 0.02 -20.42
CA GLU A 106 13.13 -1.31 -20.16
C GLU A 106 14.55 -1.17 -19.59
N VAL A 107 14.83 -1.84 -18.49
CA VAL A 107 16.13 -1.67 -17.88
C VAL A 107 17.00 -2.90 -18.10
N THR A 108 18.30 -2.71 -17.89
CA THR A 108 19.30 -3.74 -18.17
C THR A 108 20.39 -3.64 -17.09
N GLY A 109 21.27 -4.65 -17.06
CA GLY A 109 22.45 -4.58 -16.21
C GLY A 109 22.14 -4.51 -14.73
N GLU A 110 22.99 -3.79 -14.01
CA GLU A 110 22.88 -3.67 -12.57
CA GLU A 110 22.84 -3.75 -12.57
C GLU A 110 21.50 -3.15 -12.13
N GLU A 111 20.99 -2.17 -12.88
CA GLU A 111 19.68 -1.58 -12.58
C GLU A 111 18.59 -2.66 -12.61
N LYS A 112 18.66 -3.50 -13.62
CA LYS A 112 17.69 -4.58 -13.72
C LYS A 112 17.83 -5.57 -12.56
N ARG A 113 19.06 -5.95 -12.24
CA ARG A 113 19.27 -6.87 -11.13
C ARG A 113 18.69 -6.36 -9.82
N VAL A 114 18.90 -5.08 -9.54
CA VAL A 114 18.43 -4.50 -8.27
C VAL A 114 16.91 -4.47 -8.24
N TRP A 115 16.29 -4.04 -9.34
CA TRP A 115 14.83 -4.03 -9.34
C TRP A 115 14.23 -5.46 -9.29
N TRP A 116 14.88 -6.39 -9.99
CA TRP A 116 14.43 -7.76 -9.93
C TRP A 116 14.44 -8.29 -8.49
N GLU A 117 15.51 -8.01 -7.74
CA GLU A 117 15.54 -8.43 -6.35
C GLU A 117 14.36 -7.82 -5.58
N ARG A 118 14.07 -6.55 -5.81
CA ARG A 118 12.92 -5.92 -5.13
C ARG A 118 11.63 -6.64 -5.51
N ALA A 119 11.50 -6.99 -6.78
CA ALA A 119 10.25 -7.58 -7.23
C ALA A 119 10.07 -8.94 -6.56
N VAL A 120 11.15 -9.74 -6.47
CA VAL A 120 11.08 -11.08 -5.93
C VAL A 120 10.71 -10.99 -4.42
N GLU A 121 11.09 -9.91 -3.74
CA GLU A 121 10.70 -9.72 -2.33
C GLU A 121 9.19 -9.52 -2.20
N VAL A 122 8.58 -8.90 -3.19
CA VAL A 122 7.14 -8.68 -3.15
C VAL A 122 6.39 -9.92 -3.57
N TRP A 123 6.90 -10.57 -4.62
CA TRP A 123 6.20 -11.68 -5.25
C TRP A 123 7.24 -12.80 -5.47
N PRO A 124 7.46 -13.62 -4.43
CA PRO A 124 8.48 -14.69 -4.52
C PRO A 124 8.35 -15.60 -5.72
N ASP A 125 7.14 -15.80 -6.23
CA ASP A 125 6.98 -16.68 -7.39
C ASP A 125 7.79 -16.18 -8.59
N TYR A 126 8.08 -14.89 -8.67
CA TYR A 126 8.89 -14.41 -9.82
C TYR A 126 10.19 -15.21 -9.95
N ALA A 127 10.82 -15.53 -8.82
CA ALA A 127 12.04 -16.35 -8.89
C ALA A 127 11.82 -17.72 -9.54
N GLU A 128 10.70 -18.40 -9.22
CA GLU A 128 10.36 -19.66 -9.85
C GLU A 128 10.13 -19.54 -11.36
N TYR A 129 9.60 -18.39 -11.79
CA TYR A 129 9.32 -18.22 -13.22
C TYR A 129 10.59 -18.36 -14.06
N GLN A 130 11.73 -17.93 -13.52
CA GLN A 130 13.01 -18.02 -14.23
C GLN A 130 13.35 -19.42 -14.73
N THR A 131 12.88 -20.43 -14.00
CA THR A 131 13.17 -21.82 -14.32
C THR A 131 12.47 -22.31 -15.60
N LYS A 132 11.51 -21.53 -16.08
CA LYS A 132 10.72 -21.89 -17.26
C LYS A 132 11.11 -21.06 -18.48
N THR A 133 12.03 -20.11 -18.33
CA THR A 133 12.24 -19.12 -19.38
C THR A 133 12.99 -19.61 -20.66
N THR A 134 12.67 -19.00 -21.81
CA THR A 134 13.45 -19.25 -23.03
C THR A 134 13.81 -17.92 -23.69
N ARG A 135 13.41 -16.83 -23.04
CA ARG A 135 13.63 -15.47 -23.51
C ARG A 135 13.94 -14.64 -22.28
N GLU A 136 14.58 -13.49 -22.47
CA GLU A 136 14.81 -12.61 -21.33
C GLU A 136 13.45 -12.22 -20.74
N ILE A 137 13.41 -12.02 -19.43
CA ILE A 137 12.21 -11.49 -18.77
C ILE A 137 12.28 -9.96 -18.74
N PRO A 138 11.34 -9.28 -19.43
CA PRO A 138 11.42 -7.80 -19.48
C PRO A 138 11.03 -7.16 -18.15
N VAL A 139 11.82 -6.18 -17.71
CA VAL A 139 11.53 -5.41 -16.52
C VAL A 139 11.58 -3.94 -16.88
N PHE A 140 10.54 -3.18 -16.50
CA PHE A 140 10.47 -1.75 -16.85
C PHE A 140 10.56 -0.99 -15.57
N VAL A 141 11.25 0.14 -15.61
CA VAL A 141 11.29 1.06 -14.48
C VAL A 141 10.54 2.33 -14.87
N LEU A 142 9.65 2.76 -13.99
CA LEU A 142 8.77 3.89 -14.20
C LEU A 142 9.21 5.05 -13.34
N THR A 143 9.66 6.12 -13.98
CA THR A 143 10.10 7.30 -13.29
C THR A 143 9.08 8.46 -13.39
N PRO A 144 8.76 9.11 -12.28
CA PRO A 144 7.74 10.16 -12.33
C PRO A 144 8.03 11.20 -13.39
N ARG A 145 6.97 11.64 -14.04
CA ARG A 145 7.07 12.77 -14.97
C ARG A 145 5.81 13.65 -14.90
N GLY B 6 22.45 9.58 5.28
CA GLY B 6 22.83 10.44 4.17
C GLY B 6 21.71 11.31 3.60
N GLU B 7 20.73 11.66 4.43
CA GLU B 7 19.61 12.48 4.00
C GLU B 7 19.38 13.65 4.94
N TYR B 8 18.76 14.70 4.43
CA TYR B 8 18.40 15.85 5.26
C TYR B 8 16.94 15.74 5.67
N GLU B 9 16.66 14.86 6.62
CA GLU B 9 15.29 14.47 6.93
C GLU B 9 15.18 14.40 8.43
N PRO B 10 14.00 14.73 8.99
CA PRO B 10 13.88 14.69 10.45
C PRO B 10 13.91 13.24 10.91
N SER B 11 14.11 13.06 12.21
CA SER B 11 13.93 11.73 12.76
C SER B 11 12.46 11.34 12.62
N PRO B 12 12.18 10.04 12.66
CA PRO B 12 10.78 9.59 12.54
C PRO B 12 9.86 10.20 13.58
N SER B 13 10.29 10.25 14.82
CA SER B 13 9.40 10.78 15.86
C SER B 13 9.23 12.30 15.74
N ASP B 14 10.26 12.99 15.25
CA ASP B 14 10.17 14.43 15.06
C ASP B 14 9.21 14.72 13.91
N TRP B 15 9.29 13.92 12.85
CA TRP B 15 8.31 14.08 11.75
C TRP B 15 6.89 13.88 12.29
N ALA B 16 6.71 12.82 13.07
CA ALA B 16 5.36 12.54 13.58
C ALA B 16 4.83 13.71 14.40
N ARG B 17 5.65 14.25 15.30
CA ARG B 17 5.27 15.44 16.07
C ARG B 17 4.92 16.64 15.17
N LYS B 18 5.75 16.92 14.16
CA LYS B 18 5.48 18.02 13.24
C LYS B 18 4.18 17.79 12.46
N GLN B 19 3.94 16.58 11.98
CA GLN B 19 2.69 16.27 11.25
C GLN B 19 1.46 16.53 12.17
N VAL B 20 1.50 16.06 13.41
CA VAL B 20 0.39 16.36 14.37
C VAL B 20 0.17 17.84 14.57
N GLU B 21 1.27 18.57 14.78
CA GLU B 21 1.15 20.01 14.97
C GLU B 21 0.45 20.72 13.78
N THR B 22 0.85 20.37 12.56
CA THR B 22 0.25 20.96 11.37
C THR B 22 -1.22 20.56 11.27
N TYR B 23 -1.48 19.26 11.47
CA TYR B 23 -2.82 18.70 11.35
C TYR B 23 -3.79 19.35 12.35
N GLU B 24 -3.41 19.36 13.61
CA GLU B 24 -4.28 19.89 14.65
C GLU B 24 -4.42 21.40 14.52
N ASN B 25 -3.31 22.11 14.34
CA ASN B 25 -3.34 23.57 14.22
C ASN B 25 -4.17 24.10 13.07
N SER B 26 -4.25 23.36 11.96
CA SER B 26 -4.95 23.80 10.77
C SER B 26 -6.40 23.33 10.84
N GLY B 27 -6.76 22.72 11.95
CA GLY B 27 -8.07 22.11 12.07
C GLY B 27 -8.32 21.03 11.01
N GLY B 28 -7.29 20.30 10.59
CA GLY B 28 -7.51 19.16 9.72
C GLY B 28 -7.56 19.52 8.24
N THR B 29 -7.07 20.72 7.90
CA THR B 29 -7.03 21.12 6.49
C THR B 29 -5.66 20.97 5.86
N GLU B 30 -4.60 20.93 6.69
CA GLU B 30 -3.23 20.79 6.19
C GLU B 30 -2.56 19.63 6.91
N GLY B 31 -1.58 19.02 6.25
CA GLY B 31 -0.77 17.99 6.88
C GLY B 31 -1.49 16.67 7.06
N THR B 32 -2.50 16.44 6.24
CA THR B 32 -3.34 15.26 6.45
C THR B 32 -3.02 14.05 5.59
N THR B 33 -1.92 14.13 4.84
CA THR B 33 -1.49 12.98 4.07
C THR B 33 -0.03 12.68 4.24
N LEU B 34 0.32 11.48 3.82
CA LEU B 34 1.71 11.02 3.86
C LEU B 34 1.95 10.24 2.57
N GLN B 35 2.86 10.74 1.73
CA GLN B 35 3.11 10.12 0.42
C GLN B 35 1.82 9.91 -0.34
N GLY B 36 0.93 10.89 -0.25
CA GLY B 36 -0.35 10.86 -0.98
C GLY B 36 -1.46 10.08 -0.29
N LYS B 37 -1.18 9.48 0.87
CA LYS B 37 -2.14 8.58 1.50
C LYS B 37 -2.66 9.23 2.80
N PRO B 38 -3.92 8.98 3.14
CA PRO B 38 -4.59 9.77 4.20
C PRO B 38 -4.15 9.32 5.59
N VAL B 39 -4.03 10.31 6.47
CA VAL B 39 -3.58 10.13 7.86
C VAL B 39 -4.71 10.59 8.78
N VAL B 40 -4.77 9.98 9.96
CA VAL B 40 -5.69 10.39 11.03
C VAL B 40 -4.85 10.72 12.25
N VAL B 41 -5.41 11.47 13.20
CA VAL B 41 -4.74 11.70 14.49
C VAL B 41 -5.54 11.03 15.59
N LEU B 42 -4.87 10.08 16.24
CA LEU B 42 -5.43 9.35 17.37
C LEU B 42 -5.07 10.01 18.69
N THR B 43 -6.04 10.25 19.57
CA THR B 43 -5.72 10.73 20.93
C THR B 43 -5.96 9.58 21.90
N THR B 44 -4.94 9.31 22.71
CA THR B 44 -5.06 8.22 23.69
C THR B 44 -4.69 8.76 25.07
N LYS B 45 -5.04 8.04 26.13
CA LYS B 45 -4.62 8.43 27.47
C LYS B 45 -3.30 7.69 27.82
N GLY B 46 -2.30 8.44 28.31
CA GLY B 46 -1.01 7.84 28.60
C GLY B 46 -1.14 6.79 29.70
N ALA B 47 -0.77 5.54 29.42
CA ALA B 47 -0.95 4.44 30.37
C ALA B 47 -0.22 4.66 31.68
N LYS B 48 0.95 5.30 31.62
CA LYS B 48 1.72 5.56 32.84
C LYS B 48 1.52 6.97 33.39
N THR B 49 1.27 7.96 32.52
CA THR B 49 1.28 9.35 32.96
C THR B 49 -0.12 9.95 33.14
N GLY B 50 -1.12 9.38 32.46
CA GLY B 50 -2.45 9.98 32.45
C GLY B 50 -2.66 11.16 31.50
N LYS B 51 -1.60 11.61 30.84
CA LYS B 51 -1.72 12.76 29.95
C LYS B 51 -2.31 12.36 28.59
N LEU B 52 -3.00 13.31 27.95
CA LEU B 52 -3.53 13.08 26.62
C LEU B 52 -2.40 13.08 25.59
N ARG B 53 -2.35 12.06 24.74
CA ARG B 53 -1.22 11.90 23.82
C ARG B 53 -1.77 11.80 22.42
N LYS B 54 -1.15 12.45 21.43
CA LYS B 54 -1.70 12.40 20.07
C LYS B 54 -0.66 11.69 19.20
N THR B 55 -1.15 10.93 18.22
CA THR B 55 -0.32 10.09 17.34
C THR B 55 -0.92 10.08 15.94
N PRO B 56 -0.14 10.45 14.90
CA PRO B 56 -0.65 10.33 13.52
C PRO B 56 -0.52 8.88 13.05
N LEU B 57 -1.56 8.36 12.38
CA LEU B 57 -1.59 6.96 11.94
C LEU B 57 -2.26 6.94 10.57
N MET B 58 -2.10 5.84 9.82
CA MET B 58 -2.81 5.76 8.54
C MET B 58 -4.31 5.59 8.71
N ARG B 59 -5.08 6.26 7.83
CA ARG B 59 -6.53 6.21 7.86
C ARG B 59 -6.98 4.93 7.24
N VAL B 60 -7.67 4.08 8.02
CA VAL B 60 -8.29 2.86 7.47
C VAL B 60 -9.72 2.89 7.98
N GLU B 61 -10.70 2.97 7.07
CA GLU B 61 -12.08 3.31 7.45
C GLU B 61 -13.10 2.46 6.69
N HIS B 62 -14.19 2.10 7.37
CA HIS B 62 -15.31 1.44 6.67
C HIS B 62 -16.60 1.69 7.42
N ASN B 63 -17.55 2.38 6.80
CA ASN B 63 -18.86 2.61 7.38
C ASN B 63 -18.80 3.22 8.78
N GLY B 64 -17.94 4.22 8.95
CA GLY B 64 -17.85 4.91 10.22
C GLY B 64 -16.97 4.28 11.29
N GLU B 65 -16.49 3.05 11.06
CA GLU B 65 -15.53 2.42 11.97
C GLU B 65 -14.16 2.65 11.37
N TYR B 66 -13.12 2.65 12.23
CA TYR B 66 -11.72 2.84 11.77
C TYR B 66 -10.93 1.67 12.29
N ALA B 67 -9.81 1.42 11.65
CA ALA B 67 -8.82 0.51 12.19
C ALA B 67 -7.48 1.20 12.26
N VAL B 68 -6.69 0.87 13.26
CA VAL B 68 -5.32 1.37 13.30
C VAL B 68 -4.36 0.19 13.44
N VAL B 69 -3.16 0.35 12.88
CA VAL B 69 -2.17 -0.72 12.81
C VAL B 69 -0.94 -0.34 13.60
N ALA B 70 -0.57 -1.15 14.58
CA ALA B 70 0.56 -0.87 15.45
C ALA B 70 1.82 -1.54 14.90
N SER B 71 2.55 -0.81 14.08
CA SER B 71 3.73 -1.37 13.45
C SER B 71 4.69 -0.30 13.01
N LEU B 72 5.93 -0.44 13.45
CA LEU B 72 6.97 0.52 13.09
C LEU B 72 7.72 0.10 11.84
N GLY B 73 7.22 -0.91 11.13
CA GLY B 73 7.95 -1.52 10.04
C GLY B 73 8.24 -3.00 10.32
N GLY B 74 9.35 -3.51 9.81
CA GLY B 74 9.67 -4.92 10.04
C GLY B 74 10.00 -5.27 11.49
N ALA B 75 10.41 -4.27 12.27
CA ALA B 75 10.64 -4.41 13.74
C ALA B 75 9.44 -4.91 14.51
N PRO B 76 9.63 -5.85 15.45
CA PRO B 76 8.48 -6.35 16.22
C PRO B 76 8.13 -5.47 17.41
N LYS B 77 8.87 -4.38 17.63
CA LYS B 77 8.58 -3.51 18.77
C LYS B 77 7.17 -2.90 18.71
N HIS B 78 6.49 -2.89 19.85
CA HIS B 78 5.18 -2.21 19.89
C HIS B 78 5.39 -0.73 20.14
N PRO B 79 4.65 0.13 19.40
CA PRO B 79 4.59 1.57 19.70
C PRO B 79 4.04 1.79 21.07
N VAL B 80 4.47 2.84 21.77
CA VAL B 80 3.92 3.11 23.08
C VAL B 80 2.39 3.25 23.06
N TRP B 81 1.80 3.85 22.01
CA TRP B 81 0.38 4.05 22.01
C TRP B 81 -0.39 2.75 22.09
N TYR B 82 0.23 1.64 21.70
CA TYR B 82 -0.42 0.33 21.87
C TYR B 82 -0.75 0.07 23.33
N HIS B 83 0.21 0.37 24.21
CA HIS B 83 -0.03 0.17 25.64
C HIS B 83 -1.12 1.11 26.15
N ASN B 84 -1.20 2.31 25.59
CA ASN B 84 -2.24 3.27 26.04
C ASN B 84 -3.63 2.75 25.77
N ILE B 85 -3.84 2.23 24.57
CA ILE B 85 -5.14 1.68 24.21
C ILE B 85 -5.47 0.43 24.98
N LYS B 86 -4.50 -0.44 25.15
CA LYS B 86 -4.75 -1.60 26.02
C LYS B 86 -5.24 -1.20 27.42
N ALA B 87 -4.69 -0.13 27.97
CA ALA B 87 -5.09 0.32 29.30
C ALA B 87 -6.37 1.16 29.35
N GLU B 88 -6.68 1.86 28.26
CA GLU B 88 -7.87 2.72 28.20
C GLU B 88 -8.46 2.62 26.78
N PRO B 89 -9.53 1.83 26.60
CA PRO B 89 -10.02 1.67 25.23
C PRO B 89 -10.73 2.92 24.64
N HIS B 90 -11.09 3.91 25.48
CA HIS B 90 -11.69 5.14 24.96
C HIS B 90 -10.62 6.00 24.31
N VAL B 91 -10.80 6.25 23.03
CA VAL B 91 -9.89 7.12 22.28
C VAL B 91 -10.72 8.14 21.50
N GLU B 92 -10.02 9.16 21.00
CA GLU B 92 -10.61 10.12 20.04
C GLU B 92 -9.83 10.02 18.74
N LEU B 93 -10.49 10.28 17.62
CA LEU B 93 -9.84 10.21 16.31
CA LEU B 93 -9.84 10.21 16.33
C LEU B 93 -10.30 11.39 15.48
N ARG B 94 -9.32 12.13 14.96
CA ARG B 94 -9.60 13.17 13.99
C ARG B 94 -9.29 12.66 12.59
N ASP B 95 -10.23 12.85 11.65
CA ASP B 95 -10.05 12.44 10.26
C ASP B 95 -10.38 13.70 9.44
N GLY B 96 -9.33 14.39 9.00
CA GLY B 96 -9.49 15.71 8.39
C GLY B 96 -10.15 16.70 9.31
N THR B 97 -11.22 17.34 8.83
CA THR B 97 -11.87 18.35 9.66
C THR B 97 -12.86 17.82 10.70
N GLU B 98 -13.01 16.49 10.77
CA GLU B 98 -14.02 15.89 11.67
C GLU B 98 -13.35 15.13 12.82
N VAL B 99 -14.02 15.09 13.97
CA VAL B 99 -13.51 14.41 15.15
CA VAL B 99 -13.50 14.37 15.12
C VAL B 99 -14.60 13.59 15.81
N GLY B 100 -14.19 12.55 16.55
CA GLY B 100 -15.19 11.79 17.27
C GLY B 100 -14.54 10.88 18.30
N ASP B 101 -15.38 10.24 19.11
CA ASP B 101 -14.94 9.31 20.15
C ASP B 101 -15.23 7.89 19.74
N TYR B 102 -14.33 6.99 20.15
CA TYR B 102 -14.39 5.58 19.73
C TYR B 102 -13.99 4.71 20.88
N THR B 103 -14.43 3.44 20.84
CA THR B 103 -13.93 2.37 21.72
C THR B 103 -13.01 1.49 20.87
N ALA B 104 -11.75 1.40 21.24
CA ALA B 104 -10.73 0.70 20.41
C ALA B 104 -10.39 -0.62 21.06
N ARG B 105 -10.42 -1.69 20.27
CA ARG B 105 -10.12 -3.02 20.83
C ARG B 105 -9.39 -3.83 19.75
N GLU B 106 -8.41 -4.64 20.17
CA GLU B 106 -7.64 -5.43 19.21
C GLU B 106 -8.52 -6.55 18.63
N VAL B 107 -8.43 -6.78 17.32
CA VAL B 107 -9.25 -7.79 16.63
C VAL B 107 -8.42 -9.01 16.19
N THR B 108 -9.12 -10.11 15.94
CA THR B 108 -8.45 -11.34 15.51
C THR B 108 -9.28 -12.07 14.46
N GLY B 109 -8.73 -13.15 13.94
CA GLY B 109 -9.48 -13.99 13.06
C GLY B 109 -9.97 -13.33 11.76
N GLU B 110 -11.19 -13.73 11.41
CA GLU B 110 -11.89 -13.24 10.23
C GLU B 110 -11.99 -11.71 10.22
N GLU B 111 -12.37 -11.13 11.34
CA GLU B 111 -12.51 -9.69 11.44
C GLU B 111 -11.16 -9.03 11.13
N LYS B 112 -10.10 -9.61 11.64
CA LYS B 112 -8.79 -8.98 11.43
C LYS B 112 -8.39 -9.08 9.96
N ARG B 113 -8.70 -10.20 9.35
CA ARG B 113 -8.28 -10.37 7.97
C ARG B 113 -8.97 -9.38 7.05
N VAL B 114 -10.23 -9.05 7.34
CA VAL B 114 -10.95 -8.07 6.54
C VAL B 114 -10.29 -6.70 6.69
N TRP B 115 -10.05 -6.29 7.94
CA TRP B 115 -9.47 -4.97 8.19
C TRP B 115 -8.01 -4.90 7.71
N TRP B 116 -7.31 -6.02 7.79
CA TRP B 116 -5.93 -6.04 7.26
C TRP B 116 -5.86 -5.76 5.76
N GLU B 117 -6.73 -6.38 4.99
CA GLU B 117 -6.81 -6.10 3.57
C GLU B 117 -7.09 -4.63 3.31
N ARG B 118 -8.02 -4.05 4.09
CA ARG B 118 -8.28 -2.61 3.96
C ARG B 118 -7.05 -1.77 4.29
N ALA B 119 -6.28 -2.19 5.26
CA ALA B 119 -5.07 -1.44 5.64
C ALA B 119 -4.01 -1.48 4.55
N VAL B 120 -3.80 -2.66 3.95
CA VAL B 120 -2.80 -2.77 2.87
C VAL B 120 -3.23 -1.97 1.66
N GLU B 121 -4.55 -1.83 1.45
CA GLU B 121 -5.04 -0.98 0.36
CA GLU B 121 -5.09 -0.92 0.39
C GLU B 121 -4.58 0.47 0.57
N VAL B 122 -4.52 0.93 1.83
CA VAL B 122 -4.14 2.29 2.10
C VAL B 122 -2.64 2.47 2.14
N TRP B 123 -1.92 1.55 2.78
CA TRP B 123 -0.48 1.65 2.97
C TRP B 123 0.10 0.30 2.59
N PRO B 124 0.39 0.16 1.28
CA PRO B 124 0.81 -1.15 0.79
C PRO B 124 2.08 -1.70 1.47
N ASP B 125 2.94 -0.85 2.04
CA ASP B 125 4.12 -1.39 2.71
C ASP B 125 3.75 -2.24 3.94
N TYR B 126 2.53 -2.10 4.50
CA TYR B 126 2.17 -2.98 5.61
C TYR B 126 2.39 -4.45 5.25
N ALA B 127 2.16 -4.82 3.99
CA ALA B 127 2.32 -6.22 3.58
C ALA B 127 3.75 -6.71 3.78
N GLU B 128 4.73 -5.88 3.45
CA GLU B 128 6.14 -6.17 3.68
C GLU B 128 6.47 -6.26 5.18
N TYR B 129 5.93 -5.33 5.98
CA TYR B 129 6.20 -5.41 7.39
C TYR B 129 5.71 -6.76 7.94
N GLN B 130 4.53 -7.21 7.50
CA GLN B 130 3.96 -8.44 8.01
C GLN B 130 4.84 -9.66 7.70
N THR B 131 5.48 -9.65 6.55
CA THR B 131 6.30 -10.83 6.18
C THR B 131 7.55 -10.92 7.09
N LYS B 132 8.02 -9.78 7.59
CA LYS B 132 9.29 -9.70 8.35
C LYS B 132 9.12 -9.87 9.88
N THR B 133 7.93 -9.64 10.40
CA THR B 133 7.82 -9.65 11.85
CA THR B 133 7.70 -9.70 11.85
C THR B 133 7.91 -11.07 12.48
N THR B 134 8.34 -11.10 13.75
CA THR B 134 8.42 -12.32 14.53
C THR B 134 7.06 -12.64 15.19
N ARG B 135 6.17 -11.64 15.31
CA ARG B 135 4.91 -11.83 16.05
C ARG B 135 3.82 -11.00 15.41
N GLU B 136 2.58 -11.31 15.74
CA GLU B 136 1.43 -10.66 15.11
C GLU B 136 1.52 -9.13 15.18
N ILE B 137 1.07 -8.48 14.12
CA ILE B 137 0.97 -7.02 14.11
C ILE B 137 -0.41 -6.60 14.68
N PRO B 138 -0.44 -5.86 15.82
CA PRO B 138 -1.76 -5.62 16.41
C PRO B 138 -2.60 -4.69 15.52
N VAL B 139 -3.86 -5.05 15.33
CA VAL B 139 -4.79 -4.21 14.60
C VAL B 139 -5.94 -3.92 15.56
N PHE B 140 -6.20 -2.61 15.81
CA PHE B 140 -7.32 -2.22 16.64
C PHE B 140 -8.47 -1.73 15.76
N VAL B 141 -9.68 -2.14 16.09
CA VAL B 141 -10.84 -1.58 15.40
C VAL B 141 -11.49 -0.61 16.39
N LEU B 142 -11.80 0.57 15.87
CA LEU B 142 -12.42 1.68 16.61
C LEU B 142 -13.91 1.78 16.25
N THR B 143 -14.75 1.56 17.23
CA THR B 143 -16.20 1.64 17.02
C THR B 143 -16.75 2.91 17.67
N PRO B 144 -17.62 3.65 16.95
CA PRO B 144 -18.11 4.92 17.48
C PRO B 144 -18.72 4.73 18.83
N ARG B 145 -18.47 5.68 19.72
CA ARG B 145 -19.24 5.68 20.95
C ARG B 145 -19.87 7.04 21.18
#